data_9IJN
#
_entry.id   9IJN
#
_cell.length_a   110.040
_cell.length_b   110.040
_cell.length_c   35.760
_cell.angle_alpha   90.00
_cell.angle_beta   90.00
_cell.angle_gamma   90.00
#
_symmetry.space_group_name_H-M   'P 41 21 2'
#
loop_
_entity.id
_entity.type
_entity.pdbx_description
1 polymer 'Stimulator of interferon genes protein'
2 non-polymer '4-[4-(7-fluoranyl-1H-indol-3-yl)thiophen-2-yl]-4-oxidanylidene-butanoic acid'
3 water water
#
_entity_poly.entity_id   1
_entity_poly.type   'polypeptide(L)'
_entity_poly.pdbx_seq_one_letter_code
;NVAHGLAWSYYIGYLRLILPELQARIRTYNQHYNNLLRGAVSQRLYILLPLDCGVPDNLSMADPNIRFLDKLPQQTGDRA
GIKDRVYSNSIYELLENGQRAGTCVLEYATPLQTLFAMSQYSQAGFSREDRLEQAKLFCRTLEDILADAPESQNNCRLIA
YQEPADDSSFSLSQEVLRHLRQEEKEEV
;
_entity_poly.pdbx_strand_id   A
#
# COMPACT_ATOMS: atom_id res chain seq x y z
N ASN A 1 11.39 -18.56 3.36
CA ASN A 1 11.29 -18.01 2.01
C ASN A 1 11.50 -16.49 2.06
N VAL A 2 11.87 -15.93 0.92
CA VAL A 2 12.17 -14.51 0.88
C VAL A 2 10.94 -13.71 1.28
N ALA A 3 9.77 -14.08 0.73
CA ALA A 3 8.57 -13.28 0.96
C ALA A 3 8.16 -13.26 2.44
N HIS A 4 8.39 -14.36 3.16
CA HIS A 4 8.02 -14.44 4.58
C HIS A 4 8.73 -13.38 5.39
N GLY A 5 10.05 -13.30 5.22
CA GLY A 5 10.83 -12.30 5.90
C GLY A 5 10.43 -10.89 5.49
N LEU A 6 10.15 -10.68 4.20
CA LEU A 6 9.82 -9.34 3.80
C LEU A 6 8.48 -8.91 4.40
N ALA A 7 7.49 -9.81 4.45
CA ALA A 7 6.21 -9.44 5.05
C ALA A 7 6.36 -9.08 6.54
N TRP A 8 7.08 -9.91 7.30
CA TRP A 8 7.33 -9.60 8.70
C TRP A 8 8.08 -8.29 8.85
N SER A 9 9.06 -8.02 7.98
CA SER A 9 9.85 -6.79 8.12
C SER A 9 9.00 -5.56 7.77
N TYR A 10 8.05 -5.71 6.86
CA TYR A 10 7.21 -4.58 6.51
C TYR A 10 6.24 -4.25 7.63
N TYR A 11 5.70 -5.28 8.30
CA TYR A 11 4.92 -5.03 9.52
C TYR A 11 5.78 -4.42 10.62
N ILE A 12 6.91 -5.05 10.95
CA ILE A 12 7.69 -4.65 12.11
C ILE A 12 8.34 -3.30 11.91
N GLY A 13 8.92 -3.07 10.71
CA GLY A 13 9.68 -1.89 10.45
C GLY A 13 8.94 -0.71 9.91
N TYR A 14 7.64 -0.88 9.58
CA TYR A 14 6.88 0.22 9.00
C TYR A 14 5.47 0.23 9.58
N LEU A 15 4.66 -0.80 9.31
CA LEU A 15 3.23 -0.69 9.63
C LEU A 15 2.99 -0.59 11.14
N ARG A 16 3.77 -1.33 11.95
CA ARG A 16 3.63 -1.29 13.41
C ARG A 16 3.92 0.11 13.93
N LEU A 17 4.71 0.89 13.20
CA LEU A 17 5.10 2.21 13.65
C LEU A 17 4.18 3.32 13.15
N ILE A 18 3.52 3.17 11.99
CA ILE A 18 2.68 4.25 11.49
C ILE A 18 1.21 3.99 11.77
N LEU A 19 0.81 2.73 11.88
CA LEU A 19 -0.62 2.50 11.99
C LEU A 19 -1.20 3.04 13.31
N PRO A 20 -0.48 3.00 14.45
CA PRO A 20 -1.11 3.50 15.70
C PRO A 20 -1.48 4.97 15.66
N GLU A 21 -0.77 5.78 14.88
CA GLU A 21 -1.02 7.22 14.82
C GLU A 21 -1.84 7.60 13.60
N LEU A 22 -2.23 6.64 12.77
CA LEU A 22 -2.80 7.00 11.47
C LEU A 22 -4.17 7.67 11.62
N GLN A 23 -5.07 7.08 12.40
CA GLN A 23 -6.43 7.66 12.45
C GLN A 23 -6.39 9.05 13.07
N ALA A 24 -5.50 9.28 14.02
CA ALA A 24 -5.30 10.61 14.55
C ALA A 24 -4.87 11.60 13.45
N ARG A 25 -3.92 11.19 12.61
CA ARG A 25 -3.45 12.08 11.55
C ARG A 25 -4.57 12.34 10.56
N ILE A 26 -5.41 11.34 10.31
CA ILE A 26 -6.50 11.50 9.36
C ILE A 26 -7.58 12.40 9.95
N ARG A 27 -7.97 12.13 11.21
CA ARG A 27 -8.93 12.99 11.90
C ARG A 27 -8.47 14.44 11.90
N THR A 28 -7.19 14.67 12.17
CA THR A 28 -6.66 16.02 12.13
C THR A 28 -6.85 16.65 10.75
N TYR A 29 -6.48 15.91 9.69
CA TYR A 29 -6.63 16.45 8.35
C TYR A 29 -8.09 16.78 8.05
N ASN A 30 -9.00 15.87 8.40
CA ASN A 30 -10.41 16.06 8.10
C ASN A 30 -11.02 17.26 8.81
N GLN A 31 -10.39 17.76 9.88
CA GLN A 31 -10.94 18.84 10.67
C GLN A 31 -10.23 20.18 10.51
N HIS A 32 -9.10 20.22 9.82
CA HIS A 32 -8.35 21.46 9.70
C HIS A 32 -7.74 21.63 8.31
N ARG A 38 -16.20 18.91 1.41
CA ARG A 38 -16.32 18.02 0.24
C ARG A 38 -15.96 16.57 0.54
N GLY A 39 -16.19 16.01 1.72
CA GLY A 39 -16.05 14.57 1.79
C GLY A 39 -14.83 14.13 2.56
N ALA A 40 -15.05 13.45 3.68
CA ALA A 40 -13.94 13.09 4.56
C ALA A 40 -13.08 11.98 3.95
N VAL A 41 -11.79 12.01 4.29
CA VAL A 41 -10.88 10.94 3.96
C VAL A 41 -11.25 9.70 4.76
N SER A 42 -11.21 8.54 4.13
CA SER A 42 -11.39 7.27 4.82
C SER A 42 -10.38 7.08 5.94
N GLN A 43 -10.77 6.27 6.92
CA GLN A 43 -10.00 6.03 8.15
C GLN A 43 -8.91 4.97 8.06
N ARG A 44 -8.64 4.41 6.89
CA ARG A 44 -7.70 3.30 6.81
C ARG A 44 -6.59 3.62 5.82
N LEU A 45 -5.43 3.01 6.04
CA LEU A 45 -4.37 3.06 5.06
C LEU A 45 -4.65 1.97 4.03
N TYR A 46 -4.76 2.33 2.75
CA TYR A 46 -5.00 1.36 1.70
C TYR A 46 -3.66 1.05 1.05
N ILE A 47 -3.31 -0.24 1.02
CA ILE A 47 -2.01 -0.68 0.55
C ILE A 47 -2.20 -1.52 -0.71
N LEU A 48 -1.59 -1.08 -1.79
CA LEU A 48 -1.71 -1.75 -3.09
C LEU A 48 -0.70 -2.88 -3.17
N LEU A 49 -1.21 -4.07 -3.48
CA LEU A 49 -0.38 -5.27 -3.58
C LEU A 49 -0.52 -5.88 -4.98
N PRO A 50 0.10 -5.26 -5.98
CA PRO A 50 0.11 -5.84 -7.33
C PRO A 50 0.92 -7.13 -7.40
N LEU A 51 0.26 -8.21 -7.82
CA LEU A 51 0.94 -9.49 -7.84
C LEU A 51 1.99 -9.58 -8.95
N ASP A 52 1.94 -8.68 -9.94
CA ASP A 52 3.03 -8.58 -10.92
C ASP A 52 4.25 -7.81 -10.38
N CYS A 53 4.18 -7.37 -9.13
CA CYS A 53 5.24 -6.67 -8.40
C CYS A 53 5.72 -5.40 -9.09
N GLY A 54 4.90 -4.81 -9.96
CA GLY A 54 5.23 -3.56 -10.59
C GLY A 54 4.78 -2.41 -9.71
N VAL A 55 5.77 -1.66 -9.24
CA VAL A 55 5.51 -0.57 -8.29
C VAL A 55 6.02 0.73 -8.90
N PRO A 56 5.14 1.50 -9.53
CA PRO A 56 5.55 2.82 -10.01
C PRO A 56 5.61 3.80 -8.86
N ASP A 57 6.42 4.81 -9.02
CA ASP A 57 6.46 5.80 -7.94
C ASP A 57 5.39 6.85 -8.08
N ASN A 58 4.85 7.05 -9.30
CA ASN A 58 3.76 7.97 -9.55
C ASN A 58 2.46 7.21 -9.72
N LEU A 59 1.52 7.29 -8.79
CA LEU A 59 0.25 6.55 -8.81
C LEU A 59 -0.71 7.03 -9.88
N SER A 60 -0.70 8.31 -10.20
CA SER A 60 -1.64 8.86 -11.21
C SER A 60 -1.31 8.37 -12.62
N MET A 61 -0.10 7.89 -12.90
CA MET A 61 0.31 7.31 -14.20
C MET A 61 -0.11 5.84 -14.26
N ALA A 62 -0.46 5.22 -13.16
CA ALA A 62 -0.92 3.81 -13.16
C ALA A 62 -2.40 3.75 -13.52
N ASP A 63 -3.11 4.82 -13.26
CA ASP A 63 -4.53 4.94 -13.60
C ASP A 63 -4.82 6.40 -13.46
N PRO A 64 -5.37 7.27 -14.55
CA PRO A 64 -5.75 8.69 -14.45
C PRO A 64 -6.90 8.95 -13.49
N ASN A 65 -7.70 7.93 -13.16
CA ASN A 65 -8.79 8.08 -12.20
C ASN A 65 -8.30 8.04 -10.76
N ILE A 66 -7.01 7.94 -10.53
CA ILE A 66 -6.43 7.97 -9.17
C ILE A 66 -5.68 9.29 -9.13
N ARG A 67 -6.15 10.29 -8.42
CA ARG A 67 -5.56 11.62 -8.53
C ARG A 67 -5.04 12.08 -7.17
N PHE A 68 -3.78 12.46 -7.09
CA PHE A 68 -3.23 12.98 -5.85
C PHE A 68 -4.00 14.21 -5.40
N LEU A 69 -4.38 14.22 -4.13
CA LEU A 69 -5.09 15.31 -3.50
C LEU A 69 -4.20 16.11 -2.57
N ASP A 70 -3.58 15.46 -1.59
CA ASP A 70 -2.83 16.19 -0.58
C ASP A 70 -1.97 15.22 0.24
N LYS A 71 -1.03 15.80 0.99
CA LYS A 71 -0.25 15.03 1.95
C LYS A 71 -0.97 14.99 3.28
N LEU A 72 -0.89 13.85 3.94
CA LEU A 72 -1.24 13.80 5.34
C LEU A 72 -0.20 14.61 6.13
N PRO A 73 -0.60 15.23 7.23
CA PRO A 73 0.43 15.78 8.13
C PRO A 73 1.46 14.70 8.44
N GLN A 74 2.73 15.10 8.47
CA GLN A 74 3.84 14.18 8.68
C GLN A 74 3.81 13.59 10.09
N GLN A 75 4.26 12.35 10.21
CA GLN A 75 4.61 11.81 11.52
C GLN A 75 6.13 11.74 11.63
N THR A 76 6.66 12.09 12.79
CA THR A 76 8.08 11.98 13.06
C THR A 76 8.29 11.19 14.36
N GLY A 77 9.40 10.48 14.40
CA GLY A 77 9.81 9.79 15.60
C GLY A 77 11.26 9.44 15.46
N ASP A 78 11.97 9.43 16.58
CA ASP A 78 13.34 8.92 16.60
C ASP A 78 13.33 7.44 16.23
N ARG A 79 14.18 7.08 15.28
CA ARG A 79 14.19 5.72 14.76
C ARG A 79 15.63 5.32 14.45
N ALA A 80 16.19 4.42 15.26
CA ALA A 80 17.47 3.79 14.94
C ALA A 80 18.60 4.82 14.77
N GLY A 81 18.55 5.91 15.54
CA GLY A 81 19.56 6.96 15.44
C GLY A 81 19.17 8.07 14.50
N ILE A 82 18.12 7.89 13.71
CA ILE A 82 17.62 9.00 12.90
C ILE A 82 16.71 9.86 13.77
N LYS A 83 17.16 11.05 14.11
CA LYS A 83 16.33 11.94 14.90
C LYS A 83 15.17 12.47 14.05
N ASP A 84 13.95 12.37 14.58
CA ASP A 84 12.75 12.83 13.87
C ASP A 84 12.70 12.29 12.44
N ARG A 85 12.95 10.99 12.33
CA ARG A 85 12.62 10.24 11.12
C ARG A 85 11.21 10.60 10.67
N VAL A 86 11.06 10.98 9.39
CA VAL A 86 9.80 11.51 8.87
C VAL A 86 9.07 10.43 8.10
N TYR A 87 7.79 10.17 8.48
CA TYR A 87 6.87 9.31 7.75
C TYR A 87 5.83 10.20 7.07
N SER A 88 5.88 10.25 5.76
CA SER A 88 4.90 11.00 4.97
C SER A 88 3.96 10.02 4.28
N ASN A 89 2.69 10.41 4.13
CA ASN A 89 1.75 9.59 3.36
C ASN A 89 0.85 10.52 2.57
N SER A 90 0.29 9.99 1.47
CA SER A 90 -0.38 10.79 0.46
C SER A 90 -1.85 10.37 0.36
N ILE A 91 -2.71 11.36 0.12
CA ILE A 91 -4.15 11.18 0.02
C ILE A 91 -4.53 11.32 -1.45
N TYR A 92 -5.40 10.41 -1.91
CA TYR A 92 -5.79 10.35 -3.29
C TYR A 92 -7.31 10.38 -3.38
N GLU A 93 -7.80 10.98 -4.47
CA GLU A 93 -9.21 10.90 -4.85
C GLU A 93 -9.35 9.83 -5.93
N LEU A 94 -10.43 9.04 -5.83
CA LEU A 94 -10.71 7.98 -6.79
C LEU A 94 -11.93 8.42 -7.59
N LEU A 95 -11.78 8.58 -8.88
CA LEU A 95 -12.86 9.05 -9.71
C LEU A 95 -13.45 7.90 -10.51
N GLU A 96 -14.73 8.07 -10.87
CA GLU A 96 -15.44 7.05 -11.63
C GLU A 96 -16.44 7.82 -12.49
N ASN A 97 -16.24 7.80 -13.80
CA ASN A 97 -17.05 8.56 -14.75
C ASN A 97 -17.12 10.02 -14.40
N GLY A 98 -15.96 10.58 -14.09
CA GLY A 98 -15.91 12.00 -13.84
C GLY A 98 -16.37 12.43 -12.48
N GLN A 99 -16.76 11.50 -11.60
CA GLN A 99 -17.22 11.82 -10.27
C GLN A 99 -16.22 11.34 -9.22
N ARG A 100 -16.00 12.17 -8.21
CA ARG A 100 -15.21 11.71 -7.06
C ARG A 100 -16.02 10.68 -6.26
N ALA A 101 -15.55 9.45 -6.25
CA ALA A 101 -16.25 8.35 -5.59
C ALA A 101 -15.60 7.88 -4.30
N GLY A 102 -14.40 8.34 -3.97
CA GLY A 102 -13.78 7.98 -2.71
C GLY A 102 -12.51 8.77 -2.52
N THR A 103 -12.09 8.86 -1.27
CA THR A 103 -10.87 9.58 -0.88
C THR A 103 -10.14 8.75 0.16
N CYS A 104 -8.85 8.49 -0.05
CA CYS A 104 -8.16 7.65 0.93
C CYS A 104 -6.66 7.82 0.85
N VAL A 105 -6.02 7.48 1.98
CA VAL A 105 -4.57 7.38 2.04
C VAL A 105 -4.17 6.11 1.32
N LEU A 106 -3.29 6.23 0.35
CA LEU A 106 -3.00 5.13 -0.56
C LEU A 106 -1.54 5.10 -0.91
N GLU A 107 -0.99 3.89 -0.95
CA GLU A 107 0.39 3.70 -1.40
C GLU A 107 0.59 2.23 -1.73
N TYR A 108 1.68 1.94 -2.44
CA TYR A 108 2.07 0.58 -2.77
C TYR A 108 2.92 -0.01 -1.64
N ALA A 109 2.85 -1.34 -1.51
CA ALA A 109 3.75 -2.04 -0.61
C ALA A 109 5.15 -2.11 -1.24
N THR A 110 6.07 -1.34 -0.73
CA THR A 110 7.39 -1.30 -1.33
C THR A 110 8.14 -2.63 -1.31
N PRO A 111 7.83 -3.58 -0.42
CA PRO A 111 8.55 -4.86 -0.51
C PRO A 111 8.34 -5.58 -1.83
N LEU A 112 7.21 -5.37 -2.47
CA LEU A 112 7.01 -6.03 -3.77
C LEU A 112 8.00 -5.54 -4.83
N GLN A 113 8.47 -4.29 -4.71
CA GLN A 113 9.51 -3.80 -5.62
C GLN A 113 10.85 -4.48 -5.35
N THR A 114 11.09 -4.95 -4.12
CA THR A 114 12.28 -5.72 -3.85
C THR A 114 12.19 -7.10 -4.49
N LEU A 115 11.01 -7.74 -4.42
CA LEU A 115 10.84 -9.01 -5.12
C LEU A 115 11.10 -8.82 -6.60
N PHE A 116 10.59 -7.73 -7.16
CA PHE A 116 10.81 -7.48 -8.57
C PHE A 116 12.31 -7.32 -8.86
N ALA A 117 12.99 -6.49 -8.06
CA ALA A 117 14.41 -6.25 -8.32
C ALA A 117 15.27 -7.49 -8.07
N MET A 118 15.01 -8.21 -6.97
CA MET A 118 15.80 -9.42 -6.72
C MET A 118 15.68 -10.38 -7.89
N SER A 119 14.49 -10.48 -8.48
CA SER A 119 14.30 -11.40 -9.60
C SER A 119 15.13 -11.00 -10.80
N GLN A 120 15.62 -9.77 -10.87
CA GLN A 120 16.42 -9.38 -12.03
C GLN A 120 17.92 -9.41 -11.75
N TYR A 121 18.35 -9.55 -10.50
CA TYR A 121 19.75 -9.48 -10.14
C TYR A 121 20.30 -10.90 -10.01
N SER A 122 21.30 -11.24 -10.82
CA SER A 122 21.83 -12.61 -10.75
C SER A 122 22.33 -12.97 -9.36
N GLN A 123 22.91 -12.02 -8.65
CA GLN A 123 23.53 -12.35 -7.38
C GLN A 123 22.50 -12.59 -6.27
N ALA A 124 21.22 -12.22 -6.49
CA ALA A 124 20.21 -12.43 -5.48
C ALA A 124 19.66 -13.85 -5.43
N GLY A 125 20.03 -14.72 -6.38
CA GLY A 125 19.60 -16.11 -6.32
C GLY A 125 18.08 -16.27 -6.31
N PHE A 126 17.40 -15.50 -7.11
CA PHE A 126 15.95 -15.42 -7.10
C PHE A 126 15.52 -15.48 -8.55
N SER A 127 14.94 -16.60 -8.98
CA SER A 127 14.65 -16.74 -10.41
C SER A 127 13.45 -15.90 -10.82
N ARG A 128 13.54 -15.33 -12.01
CA ARG A 128 12.50 -14.49 -12.56
C ARG A 128 11.12 -15.13 -12.43
N GLU A 129 11.02 -16.44 -12.65
CA GLU A 129 9.72 -17.13 -12.68
C GLU A 129 9.11 -17.34 -11.30
N ASP A 130 9.83 -16.99 -10.25
CA ASP A 130 9.33 -17.14 -8.88
C ASP A 130 8.64 -15.90 -8.34
N ARG A 131 8.57 -14.81 -9.11
CA ARG A 131 7.98 -13.57 -8.60
C ARG A 131 6.54 -13.76 -8.13
N LEU A 132 5.71 -14.38 -8.97
CA LEU A 132 4.30 -14.45 -8.69
C LEU A 132 4.05 -15.25 -7.41
N GLU A 133 4.74 -16.38 -7.28
CA GLU A 133 4.53 -17.20 -6.09
C GLU A 133 4.97 -16.45 -4.84
N GLN A 134 6.09 -15.75 -4.92
CA GLN A 134 6.57 -15.02 -3.74
C GLN A 134 5.67 -13.82 -3.44
N ALA A 135 5.14 -13.16 -4.47
CA ALA A 135 4.19 -12.08 -4.20
C ALA A 135 2.92 -12.59 -3.52
N LYS A 136 2.41 -13.72 -3.99
CA LYS A 136 1.27 -14.33 -3.32
C LYS A 136 1.60 -14.68 -1.87
N LEU A 137 2.79 -15.21 -1.64
CA LEU A 137 3.19 -15.57 -0.28
C LEU A 137 3.33 -14.32 0.58
N PHE A 138 3.83 -13.22 0.00
CA PHE A 138 3.92 -11.96 0.73
C PHE A 138 2.53 -11.51 1.16
N CYS A 139 1.57 -11.57 0.24
CA CYS A 139 0.22 -11.09 0.51
C CYS A 139 -0.44 -11.93 1.60
N ARG A 140 -0.29 -13.26 1.49
CA ARG A 140 -0.92 -14.15 2.49
C ARG A 140 -0.28 -13.97 3.87
N THR A 141 1.06 -13.85 3.92
CA THR A 141 1.74 -13.69 5.19
C THR A 141 1.33 -12.36 5.84
N LEU A 142 1.35 -11.28 5.06
CA LEU A 142 0.99 -9.98 5.62
C LEU A 142 -0.46 -9.95 6.13
N GLU A 143 -1.39 -10.57 5.38
CA GLU A 143 -2.79 -10.62 5.83
C GLU A 143 -2.90 -11.34 7.16
N ASP A 144 -2.19 -12.46 7.29
CA ASP A 144 -2.20 -13.26 8.51
C ASP A 144 -1.55 -12.50 9.67
N ILE A 145 -0.48 -11.74 9.41
CA ILE A 145 0.12 -10.90 10.45
C ILE A 145 -0.87 -9.85 10.90
N LEU A 146 -1.46 -9.12 9.94
CA LEU A 146 -2.26 -7.95 10.30
C LEU A 146 -3.58 -8.37 10.95
N ALA A 147 -4.08 -9.55 10.61
CA ALA A 147 -5.32 -10.03 11.21
C ALA A 147 -5.19 -10.19 12.71
N ASP A 148 -3.99 -10.55 13.18
CA ASP A 148 -3.72 -10.75 14.59
C ASP A 148 -2.94 -9.61 15.21
N ALA A 149 -2.72 -8.52 14.47
CA ALA A 149 -1.84 -7.51 15.03
C ALA A 149 -2.64 -6.48 15.83
N PRO A 150 -2.13 -6.08 16.99
CA PRO A 150 -2.86 -5.09 17.82
C PRO A 150 -2.88 -3.69 17.22
N GLU A 151 -1.84 -3.31 16.47
CA GLU A 151 -1.82 -1.97 15.87
C GLU A 151 -2.82 -1.84 14.71
N SER A 152 -3.32 -2.94 14.19
CA SER A 152 -4.32 -2.91 13.12
C SER A 152 -5.71 -2.95 13.71
N GLN A 153 -6.33 -1.81 13.90
CA GLN A 153 -7.69 -1.74 14.36
C GLN A 153 -8.58 -1.10 13.29
N ASN A 154 -9.09 -1.88 12.35
CA ASN A 154 -9.84 -1.31 11.22
C ASN A 154 -8.99 -0.16 10.77
N ASN A 155 -7.71 -0.40 10.55
CA ASN A 155 -6.73 0.63 10.30
C ASN A 155 -6.12 0.59 8.91
N CYS A 156 -6.33 -0.50 8.20
CA CYS A 156 -5.47 -0.91 7.09
C CYS A 156 -6.30 -1.85 6.25
N ARG A 157 -6.19 -1.73 4.94
CA ARG A 157 -6.80 -2.72 4.06
C ARG A 157 -5.83 -3.02 2.92
N LEU A 158 -5.56 -4.30 2.74
CA LEU A 158 -4.67 -4.78 1.68
C LEU A 158 -5.51 -4.93 0.40
N ILE A 159 -5.01 -4.40 -0.71
CA ILE A 159 -5.67 -4.51 -2.01
C ILE A 159 -4.73 -5.29 -2.92
N ALA A 160 -4.92 -6.60 -3.02
CA ALA A 160 -4.12 -7.47 -3.87
C ALA A 160 -4.84 -7.76 -5.16
N TYR A 161 -4.09 -7.73 -6.26
CA TYR A 161 -4.73 -7.89 -7.58
C TYR A 161 -3.71 -8.37 -8.60
N GLN A 162 -4.21 -9.12 -9.58
CA GLN A 162 -3.41 -9.61 -10.70
C GLN A 162 -4.04 -9.06 -11.98
N GLU A 163 -3.43 -8.10 -12.67
CA GLU A 163 -3.96 -7.42 -13.88
C GLU A 163 -4.15 -8.52 -14.93
N PRO A 164 -5.28 -8.69 -15.67
CA PRO A 164 -5.61 -9.90 -16.47
C PRO A 164 -4.55 -10.53 -17.40
N ALA A 165 -4.46 -11.89 -17.41
CA ALA A 165 -3.38 -12.67 -18.04
C ALA A 165 -3.16 -12.12 -19.44
N ASP A 166 -1.94 -11.69 -19.75
CA ASP A 166 -1.52 -10.93 -20.94
C ASP A 166 -2.52 -9.78 -21.17
N ASP A 167 -3.77 -10.01 -21.60
CA ASP A 167 -4.67 -8.87 -21.85
C ASP A 167 -6.16 -9.17 -21.61
N SER A 168 -6.94 -8.08 -21.47
CA SER A 168 -8.36 -7.78 -21.13
C SER A 168 -8.33 -6.40 -20.42
N SER A 169 -9.48 -5.81 -20.07
CA SER A 169 -9.65 -4.49 -19.42
C SER A 169 -9.32 -4.53 -17.93
N PHE A 170 -8.53 -3.60 -17.41
CA PHE A 170 -8.22 -3.55 -15.97
C PHE A 170 -8.37 -2.14 -15.42
N SER A 171 -9.03 -1.95 -14.31
CA SER A 171 -9.11 -0.59 -13.74
C SER A 171 -8.60 -0.59 -12.28
N LEU A 172 -7.44 -0.02 -12.02
CA LEU A 172 -6.92 0.03 -10.65
C LEU A 172 -7.87 0.81 -9.75
N SER A 173 -8.33 1.97 -10.22
CA SER A 173 -9.25 2.75 -9.40
C SER A 173 -10.50 1.95 -9.03
N GLN A 174 -11.03 1.15 -9.96
CA GLN A 174 -12.19 0.33 -9.64
C GLN A 174 -11.86 -0.75 -8.62
N GLU A 175 -10.64 -1.28 -8.67
CA GLU A 175 -10.20 -2.24 -7.66
C GLU A 175 -10.19 -1.62 -6.27
N VAL A 176 -9.67 -0.40 -6.15
CA VAL A 176 -9.67 0.25 -4.84
C VAL A 176 -11.10 0.54 -4.39
N LEU A 177 -11.95 0.99 -5.32
CA LEU A 177 -13.31 1.36 -4.95
C LEU A 177 -14.13 0.18 -4.44
N ARG A 178 -13.88 -1.02 -4.99
CA ARG A 178 -14.56 -2.21 -4.47
C ARG A 178 -14.34 -2.36 -2.99
N HIS A 179 -13.09 -2.17 -2.54
CA HIS A 179 -12.83 -2.29 -1.12
C HIS A 179 -13.37 -1.09 -0.35
N LEU A 180 -13.21 0.12 -0.89
CA LEU A 180 -13.71 1.29 -0.16
C LEU A 180 -15.21 1.18 0.09
N ARG A 181 -15.96 0.66 -0.87
CA ARG A 181 -17.40 0.61 -0.73
C ARG A 181 -17.87 -0.35 0.36
N GLN A 182 -17.36 -1.57 0.37
CA GLN A 182 -17.69 -2.48 1.45
C GLN A 182 -17.55 -1.78 2.76
#